data_2HWY
#
_entry.id   2HWY
#
_cell.length_a   45.591
_cell.length_b   42.534
_cell.length_c   65.103
_cell.angle_alpha   90.00
_cell.angle_beta   95.98
_cell.angle_gamma   90.00
#
_symmetry.space_group_name_H-M   'P 1 21 1'
#
_entity_poly.entity_id   1
_entity_poly.type   'polypeptide(L)'
_entity_poly.pdbx_seq_one_letter_code
;MSPYLVPDTQALCHHLPVIRQLATSGRFIVIIPRTVIDGLDLLKKEHPGARDGIRYLEAEFKKGNRYIRCQKEVGKSFER
HKLKRQDADAWTLYKILDSCKQLTLAQGAGEEDPSGMVTIITGLPLDNPSVLSGPMQAALQAAAHASVDIKNVLDFYKQW
KEIG
;
_entity_poly.pdbx_strand_id   A,B
#
# COMPACT_ATOMS: atom_id res chain seq x y z
N PRO A 3 17.74 16.08 3.15
CA PRO A 3 16.42 16.25 3.79
C PRO A 3 15.84 14.93 4.26
N TYR A 4 15.19 14.95 5.42
CA TYR A 4 14.69 13.75 6.08
C TYR A 4 13.20 13.66 5.93
N LEU A 5 12.70 12.47 5.57
CA LEU A 5 11.28 12.17 5.72
C LEU A 5 11.14 11.10 6.79
N VAL A 6 10.15 11.23 7.66
CA VAL A 6 9.94 10.20 8.68
C VAL A 6 8.52 9.65 8.69
N PRO A 7 8.34 8.46 8.09
CA PRO A 7 7.09 7.72 8.07
C PRO A 7 6.47 7.41 9.43
N ASP A 8 5.15 7.57 9.44
CA ASP A 8 4.23 7.10 10.48
C ASP A 8 4.11 5.59 10.27
N THR A 9 3.59 4.85 11.25
CA THR A 9 3.26 3.42 11.05
C THR A 9 2.17 3.37 9.99
N GLN A 10 1.20 4.25 10.14
CA GLN A 10 0.08 4.26 9.23
C GLN A 10 0.53 4.51 7.80
N ALA A 11 1.50 5.42 7.63
CA ALA A 11 2.03 5.77 6.31
C ALA A 11 2.66 4.56 5.64
N LEU A 12 3.44 3.81 6.42
CA LEU A 12 4.09 2.62 5.92
C LEU A 12 3.10 1.52 5.63
N CYS A 13 2.11 1.36 6.51
CA CYS A 13 1.12 0.28 6.39
C CYS A 13 0.16 0.43 5.22
N HIS A 14 -0.15 1.66 4.86
CA HIS A 14 -1.19 1.98 3.90
C HIS A 14 -0.73 2.67 2.63
N HIS A 15 0.51 3.13 2.59
CA HIS A 15 1.00 3.93 1.46
C HIS A 15 2.47 3.60 1.21
N LEU A 16 2.78 2.32 1.24
CA LEU A 16 4.11 1.82 1.01
C LEU A 16 4.66 2.23 -0.35
N PRO A 17 3.81 2.25 -1.39
CA PRO A 17 4.34 2.66 -2.71
C PRO A 17 4.74 4.14 -2.82
N VAL A 18 4.17 5.00 -1.99
CA VAL A 18 4.64 6.39 -1.90
C VAL A 18 6.03 6.41 -1.26
N ILE A 19 6.17 5.69 -0.15
CA ILE A 19 7.45 5.61 0.53
C ILE A 19 8.49 4.97 -0.39
N ARG A 20 8.12 3.92 -1.10
CA ARG A 20 9.05 3.32 -2.06
C ARG A 20 9.60 4.38 -3.01
N GLN A 21 8.71 5.13 -3.61
CA GLN A 21 9.10 6.21 -4.53
C GLN A 21 10.08 7.17 -3.89
N LEU A 22 9.76 7.64 -2.69
CA LEU A 22 10.53 8.70 -2.03
C LEU A 22 11.88 8.20 -1.57
N ALA A 23 11.87 6.99 -1.01
CA ALA A 23 13.07 6.32 -0.50
C ALA A 23 14.02 5.91 -1.61
N THR A 24 13.46 5.74 -2.79
CA THR A 24 14.22 5.36 -3.98
C THR A 24 14.58 6.61 -4.77
N SER A 25 13.91 7.73 -4.47
CA SER A 25 14.15 8.97 -5.19
C SER A 25 15.62 9.31 -5.09
N GLY A 26 16.23 9.05 -3.93
CA GLY A 26 17.59 9.53 -3.67
C GLY A 26 17.62 11.03 -3.39
N ARG A 27 16.46 11.66 -3.24
CA ARG A 27 16.35 13.08 -2.89
C ARG A 27 16.06 13.23 -1.40
N PHE A 28 15.77 12.12 -0.73
CA PHE A 28 15.54 12.11 0.71
C PHE A 28 16.27 10.95 1.39
N ILE A 29 16.52 11.14 2.68
CA ILE A 29 16.91 10.07 3.59
C ILE A 29 15.67 9.71 4.37
N VAL A 30 15.29 8.43 4.36
CA VAL A 30 14.12 7.99 5.11
C VAL A 30 14.53 7.40 6.46
N ILE A 31 14.32 8.18 7.52
CA ILE A 31 14.48 7.72 8.88
C ILE A 31 13.19 7.05 9.34
N ILE A 32 13.25 5.73 9.61
CA ILE A 32 12.11 4.99 10.15
C ILE A 32 12.32 4.92 11.66
N PRO A 33 11.49 5.62 12.44
CA PRO A 33 11.75 5.64 13.89
C PRO A 33 11.58 4.27 14.58
N ARG A 34 12.40 4.00 15.58
CA ARG A 34 12.33 2.75 16.36
C ARG A 34 10.94 2.38 16.86
N THR A 35 10.15 3.39 17.21
CA THR A 35 8.80 3.17 17.72
C THR A 35 7.89 2.68 16.60
N VAL A 36 8.23 3.06 15.37
CA VAL A 36 7.51 2.66 14.17
C VAL A 36 7.93 1.23 13.79
N ILE A 37 9.23 1.03 13.62
CA ILE A 37 9.81 -0.28 13.35
C ILE A 37 9.30 -1.35 14.35
N ASP A 38 9.36 -1.04 15.64
CA ASP A 38 8.87 -1.96 16.67
C ASP A 38 7.33 -2.10 16.63
N GLY A 39 6.64 -1.01 16.29
CA GLY A 39 5.20 -1.06 16.05
C GLY A 39 4.85 -2.02 14.93
N LEU A 40 5.68 -2.04 13.89
CA LEU A 40 5.40 -2.90 12.75
C LEU A 40 5.68 -4.38 13.06
N ASP A 41 6.78 -4.68 13.77
CA ASP A 41 7.04 -6.04 14.28
C ASP A 41 5.81 -6.58 15.06
N LEU A 42 5.26 -5.75 15.95
CA LEU A 42 4.01 -6.08 16.63
C LEU A 42 2.88 -6.39 15.63
N LEU A 43 2.74 -5.54 14.60
CA LEU A 43 1.58 -5.63 13.72
C LEU A 43 1.69 -6.73 12.63
N LYS A 44 2.90 -7.15 12.27
CA LYS A 44 3.14 -8.17 11.26
C LYS A 44 2.77 -9.56 11.77
N GLU A 46 -2.67 -10.38 10.76
CA GLU A 46 -2.78 -9.26 11.70
C GLU A 46 -3.11 -7.96 10.98
N HIS A 47 -2.08 -7.23 10.66
CA HIS A 47 -2.13 -6.32 9.54
C HIS A 47 -1.13 -6.67 8.47
N PRO A 48 -1.59 -6.94 7.25
CA PRO A 48 -0.65 -7.27 6.18
C PRO A 48 0.12 -6.05 5.66
N GLY A 49 -0.40 -4.86 5.92
CA GLY A 49 0.34 -3.64 5.64
C GLY A 49 1.63 -3.64 6.42
N ALA A 50 1.54 -3.99 7.70
CA ALA A 50 2.72 -4.10 8.60
C ALA A 50 3.79 -5.08 8.11
N ARG A 51 3.34 -6.28 7.74
CA ARG A 51 4.19 -7.33 7.18
C ARG A 51 4.94 -6.92 5.91
N ASP A 52 4.29 -6.14 5.04
CA ASP A 52 4.94 -5.64 3.84
C ASP A 52 5.75 -4.37 4.07
N GLY A 53 5.28 -3.51 4.96
CA GLY A 53 6.10 -2.42 5.42
C GLY A 53 7.50 -2.88 5.83
N ILE A 54 7.57 -3.93 6.65
CA ILE A 54 8.87 -4.47 7.07
C ILE A 54 9.59 -5.13 5.91
N ARG A 55 8.91 -6.08 5.25
CA ARG A 55 9.56 -6.84 4.18
C ARG A 55 10.14 -5.93 3.13
N TYR A 56 9.40 -4.88 2.74
CA TYR A 56 9.90 -3.90 1.78
C TYR A 56 11.19 -3.28 2.26
N LEU A 57 11.14 -2.79 3.51
CA LEU A 57 12.28 -2.13 4.15
C LEU A 57 13.53 -2.99 4.15
N GLU A 58 13.35 -4.29 4.37
CA GLU A 58 14.48 -5.22 4.28
C GLU A 58 14.95 -5.46 2.85
N ALA A 59 14.03 -5.47 1.91
CA ALA A 59 14.38 -5.57 0.50
C ALA A 59 15.24 -4.36 0.07
N GLU A 60 14.82 -3.15 0.43
CA GLU A 60 15.65 -1.99 0.14
C GLU A 60 17.02 -2.10 0.81
N PHE A 61 17.07 -2.58 2.04
CA PHE A 61 18.35 -2.77 2.71
C PHE A 61 19.22 -3.70 1.90
N LYS A 62 18.59 -4.78 1.44
CA LYS A 62 19.28 -5.85 0.74
C LYS A 62 19.85 -5.35 -0.58
N LYS A 63 19.15 -4.43 -1.24
CA LYS A 63 19.52 -3.95 -2.56
C LYS A 63 20.59 -2.86 -2.47
N GLY A 64 20.92 -2.41 -1.29
CA GLY A 64 22.01 -1.47 -1.06
C GLY A 64 21.56 -0.03 -1.06
N ASN A 65 20.34 0.25 -0.66
CA ASN A 65 19.86 1.61 -0.50
C ASN A 65 20.38 2.26 0.76
N ARG A 66 21.04 3.40 0.62
CA ARG A 66 21.77 4.01 1.69
C ARG A 66 20.93 5.12 2.20
N TYR A 67 19.81 5.31 1.56
CA TYR A 67 18.98 6.46 1.81
C TYR A 67 17.83 6.05 2.63
N ILE A 68 17.99 4.97 3.35
CA ILE A 68 16.96 4.57 4.27
C ILE A 68 17.49 3.94 5.56
N ARG A 69 16.92 4.30 6.70
CA ARG A 69 17.39 3.78 7.97
C ARG A 69 16.29 3.53 8.94
N CYS A 70 16.53 2.67 9.91
CA CYS A 70 15.77 2.72 11.14
C CYS A 70 16.70 3.25 12.17
N GLN A 71 16.17 3.69 13.27
CA GLN A 71 16.92 4.49 14.16
C GLN A 71 17.07 3.84 15.51
N LEU A 93 -1.90 11.23 18.66
CA LEU A 93 -1.30 11.90 19.80
C LEU A 93 0.07 11.30 20.13
N TYR A 94 0.08 10.21 20.86
CA TYR A 94 1.32 9.64 21.43
C TYR A 94 2.32 9.37 20.31
N LYS A 95 2.00 8.44 19.37
CA LYS A 95 2.84 8.20 18.21
C LYS A 95 3.28 9.52 17.57
N ILE A 96 2.29 10.36 17.24
CA ILE A 96 2.55 11.64 16.60
C ILE A 96 3.71 12.37 17.27
N LEU A 97 3.63 12.48 18.60
CA LEU A 97 4.62 13.21 19.39
C LEU A 97 5.86 12.35 19.66
N ASP A 98 5.76 11.06 19.57
CA ASP A 98 6.94 10.19 19.73
C ASP A 98 7.91 10.30 18.57
N SER A 99 7.38 10.46 17.35
CA SER A 99 8.22 10.82 16.20
C SER A 99 8.94 12.14 16.52
N CYS A 100 8.20 13.13 17.00
CA CYS A 100 8.79 14.40 17.44
C CYS A 100 10.07 14.21 18.24
N LYS A 101 10.01 13.34 19.26
CA LYS A 101 11.18 13.08 20.11
C LYS A 101 12.36 12.50 19.33
N GLN A 102 12.06 11.62 18.36
CA GLN A 102 13.04 11.02 17.47
C GLN A 102 13.49 12.00 16.39
N LEU A 103 12.69 13.03 16.17
CA LEU A 103 12.97 14.03 15.12
C LEU A 103 13.85 15.16 15.63
N THR A 104 13.75 15.43 16.92
CA THR A 104 14.55 16.49 17.52
C THR A 104 15.99 15.99 17.69
N LEU A 105 16.18 14.68 17.64
CA LEU A 105 17.50 14.06 17.50
C LEU A 105 18.15 14.46 16.17
N ALA A 106 17.39 14.48 15.08
CA ALA A 106 17.87 14.86 13.74
C ALA A 106 17.84 16.37 13.49
N GLN A 107 17.31 17.15 14.43
CA GLN A 107 17.07 18.59 14.26
C GLN A 107 18.31 19.39 14.63
N LEU A 124 16.45 20.21 7.97
CA LEU A 124 15.08 20.17 7.47
C LEU A 124 14.53 18.74 7.47
N PRO A 125 13.98 18.28 8.61
CA PRO A 125 13.18 17.07 8.67
C PRO A 125 11.68 17.30 8.46
N LEU A 126 10.98 16.19 8.21
CA LEU A 126 9.62 16.25 7.74
C LEU A 126 8.90 14.92 7.96
N ASP A 127 7.72 15.01 8.58
CA ASP A 127 6.99 13.86 9.04
C ASP A 127 5.86 13.46 8.10
N ASN A 128 5.73 12.17 7.80
CA ASN A 128 4.65 11.62 6.98
C ASN A 128 3.67 10.68 7.72
N PRO A 129 2.45 11.13 8.09
CA PRO A 129 1.39 10.25 8.56
C PRO A 129 0.21 10.04 7.58
N SER A 130 -0.88 9.48 8.10
CA SER A 130 -2.22 9.59 7.48
C SER A 130 -3.12 10.50 8.38
N VAL A 131 -4.47 10.55 8.15
CA VAL A 131 -5.25 11.72 8.63
C VAL A 131 -4.96 13.22 8.37
N LEU A 132 -5.00 13.61 7.09
CA LEU A 132 -4.33 14.82 6.64
C LEU A 132 -4.95 16.05 7.29
N SER A 133 -6.18 16.37 6.90
CA SER A 133 -6.74 17.69 7.15
C SER A 133 -8.15 17.60 7.75
N GLY A 134 -8.38 18.32 8.83
CA GLY A 134 -9.28 17.87 9.87
C GLY A 134 -9.02 18.66 11.14
N ALA A 139 -4.32 17.05 19.42
CA ALA A 139 -3.58 16.77 18.19
C ALA A 139 -3.13 18.07 17.51
N LEU A 140 -3.84 19.17 17.76
CA LEU A 140 -3.42 20.48 17.31
C LEU A 140 -2.10 20.90 17.97
N GLN A 141 -1.86 20.42 19.19
CA GLN A 141 -0.63 20.66 19.93
C GLN A 141 0.55 19.91 19.30
N ALA A 142 0.28 18.71 18.80
CA ALA A 142 1.32 17.89 18.18
C ALA A 142 1.98 18.66 17.04
N ALA A 143 1.17 19.05 16.06
CA ALA A 143 1.68 19.82 14.92
C ALA A 143 2.30 21.15 15.36
N ALA A 144 1.76 21.73 16.43
CA ALA A 144 2.23 23.02 16.95
C ALA A 144 3.70 23.02 17.38
N HIS A 145 4.24 21.86 17.75
CA HIS A 145 5.67 21.70 17.99
C HIS A 145 6.47 22.14 16.75
N ALA A 146 7.17 23.27 16.92
CA ALA A 146 7.44 24.22 15.83
C ALA A 146 8.51 23.85 14.78
N SER A 147 9.42 22.95 15.10
CA SER A 147 10.63 22.79 14.29
C SER A 147 10.52 21.85 13.06
N VAL A 148 9.41 21.15 12.91
CA VAL A 148 9.35 20.07 11.93
C VAL A 148 8.02 20.08 11.21
N ASP A 149 8.06 19.85 9.91
CA ASP A 149 6.84 19.77 9.11
C ASP A 149 6.14 18.43 9.29
N ILE A 150 4.83 18.45 9.39
CA ILE A 150 4.03 17.24 9.33
C ILE A 150 3.06 17.39 8.17
N LYS A 151 3.22 16.56 7.15
CA LYS A 151 2.34 16.52 5.98
C LYS A 151 1.82 15.11 5.72
N ASN A 152 0.58 14.98 5.31
CA ASN A 152 0.02 13.71 4.92
C ASN A 152 0.84 13.06 3.80
N VAL A 153 1.08 11.75 3.88
CA VAL A 153 1.82 11.06 2.82
C VAL A 153 1.38 11.47 1.39
N LEU A 154 0.11 11.29 1.07
CA LEU A 154 -0.38 11.66 -0.27
C LEU A 154 -0.38 13.17 -0.54
N ASP A 155 -0.53 14.00 0.50
CA ASP A 155 -0.39 15.44 0.33
C ASP A 155 1.04 15.81 -0.06
N PHE A 156 1.99 15.25 0.70
CA PHE A 156 3.40 15.44 0.40
C PHE A 156 3.72 14.90 -1.01
N TYR A 157 3.18 13.71 -1.31
CA TYR A 157 3.48 13.02 -2.55
C TYR A 157 2.98 13.74 -3.78
N LYS A 158 1.73 14.18 -3.69
CA LYS A 158 1.12 14.92 -4.76
C LYS A 158 1.82 16.29 -4.92
N GLN A 159 2.22 16.92 -3.81
CA GLN A 159 3.07 18.13 -3.92
C GLN A 159 4.44 17.82 -4.59
N TRP A 160 5.02 16.67 -4.28
CA TRP A 160 6.36 16.33 -4.75
C TRP A 160 6.47 16.16 -6.26
N PRO B 3 -13.94 -19.21 -3.27
CA PRO B 3 -14.50 -18.78 -4.57
C PRO B 3 -13.47 -18.06 -5.45
N TYR B 4 -13.95 -17.36 -6.49
CA TYR B 4 -13.14 -16.50 -7.37
C TYR B 4 -13.06 -15.09 -6.79
N LEU B 5 -11.85 -14.55 -6.61
CA LEU B 5 -11.69 -13.14 -6.26
C LEU B 5 -11.20 -12.39 -7.49
N VAL B 6 -11.99 -11.43 -7.94
CA VAL B 6 -11.61 -10.60 -9.06
C VAL B 6 -11.35 -9.21 -8.51
N PRO B 7 -10.07 -8.87 -8.33
CA PRO B 7 -9.77 -7.58 -7.75
C PRO B 7 -9.81 -6.46 -8.78
N ASP B 8 -9.99 -5.25 -8.27
CA ASP B 8 -10.06 -4.01 -9.05
C ASP B 8 -8.64 -3.42 -9.19
N THR B 9 -8.50 -2.41 -10.03
CA THR B 9 -7.28 -1.58 -10.06
C THR B 9 -7.02 -0.88 -8.72
N GLN B 10 -8.10 -0.61 -7.99
CA GLN B 10 -8.02 0.16 -6.76
C GLN B 10 -7.57 -0.75 -5.64
N ALA B 11 -8.10 -1.97 -5.65
CA ALA B 11 -7.62 -3.01 -4.75
C ALA B 11 -6.13 -3.26 -4.95
N LEU B 12 -5.70 -3.25 -6.21
CA LEU B 12 -4.30 -3.54 -6.55
C LEU B 12 -3.39 -2.38 -6.27
N CYS B 13 -3.91 -1.16 -6.40
CA CYS B 13 -3.12 0.04 -6.21
C CYS B 13 -3.05 0.49 -4.77
N HIS B 14 -4.07 0.14 -3.98
CA HIS B 14 -4.16 0.60 -2.59
C HIS B 14 -4.19 -0.50 -1.53
N HIS B 15 -4.45 -1.75 -1.89
CA HIS B 15 -4.54 -2.81 -0.90
C HIS B 15 -3.85 -4.09 -1.37
N LEU B 16 -2.71 -3.87 -2.00
CA LEU B 16 -1.80 -4.91 -2.41
C LEU B 16 -1.39 -5.85 -1.28
N PRO B 17 -1.17 -5.33 -0.07
CA PRO B 17 -0.79 -6.28 0.99
C PRO B 17 -1.90 -7.28 1.34
N VAL B 18 -3.13 -6.83 1.23
CA VAL B 18 -4.28 -7.68 1.51
C VAL B 18 -4.53 -8.66 0.37
N ILE B 19 -4.30 -8.21 -0.86
CA ILE B 19 -4.37 -9.08 -2.04
C ILE B 19 -3.34 -10.20 -1.93
N ARG B 20 -2.15 -9.83 -1.49
CA ARG B 20 -1.08 -10.78 -1.29
C ARG B 20 -1.51 -11.91 -0.35
N GLN B 21 -2.08 -11.56 0.80
CA GLN B 21 -2.55 -12.57 1.76
C GLN B 21 -3.61 -13.48 1.15
N LEU B 22 -4.58 -12.89 0.47
CA LEU B 22 -5.65 -13.64 -0.18
C LEU B 22 -5.08 -14.58 -1.24
N ALA B 23 -4.20 -14.04 -2.08
CA ALA B 23 -3.61 -14.76 -3.21
C ALA B 23 -2.78 -15.96 -2.79
N THR B 24 -1.86 -15.72 -1.85
CA THR B 24 -0.98 -16.76 -1.29
C THR B 24 -1.67 -17.75 -0.34
N SER B 25 -2.90 -17.47 0.10
CA SER B 25 -3.68 -18.28 1.03
C SER B 25 -3.95 -19.67 0.45
N GLY B 26 -4.11 -19.80 -0.83
CA GLY B 26 -4.58 -21.01 -1.48
C GLY B 26 -6.05 -21.31 -1.27
N ARG B 27 -6.77 -20.37 -0.69
CA ARG B 27 -8.20 -20.53 -0.45
C ARG B 27 -9.02 -19.79 -1.51
N PHE B 28 -8.28 -19.12 -2.42
CA PHE B 28 -8.92 -18.27 -3.42
C PHE B 28 -8.17 -18.38 -4.72
N ILE B 29 -8.94 -18.54 -5.79
CA ILE B 29 -8.41 -18.38 -7.12
C ILE B 29 -8.55 -16.91 -7.41
N VAL B 30 -7.43 -16.19 -7.44
CA VAL B 30 -7.48 -14.76 -7.70
C VAL B 30 -7.34 -14.49 -9.21
N ILE B 31 -8.45 -14.04 -9.82
CA ILE B 31 -8.53 -13.82 -11.26
C ILE B 31 -8.36 -12.33 -11.56
N ILE B 32 -7.33 -11.96 -12.33
CA ILE B 32 -7.09 -10.56 -12.66
C ILE B 32 -7.68 -10.24 -14.05
N PRO B 33 -8.49 -9.18 -14.13
CA PRO B 33 -9.10 -8.76 -15.40
C PRO B 33 -8.16 -8.09 -16.43
N ARG B 34 -8.30 -8.50 -17.68
CA ARG B 34 -7.57 -7.89 -18.82
C ARG B 34 -7.52 -6.37 -18.78
N THR B 35 -8.69 -5.78 -18.59
CA THR B 35 -8.82 -4.34 -18.46
C THR B 35 -8.04 -3.83 -17.22
N VAL B 36 -8.09 -4.58 -16.11
CA VAL B 36 -7.36 -4.23 -14.87
C VAL B 36 -5.85 -4.30 -15.06
N ILE B 37 -5.38 -5.32 -15.77
CA ILE B 37 -3.97 -5.44 -16.15
C ILE B 37 -3.53 -4.30 -17.07
N ASP B 38 -4.40 -3.97 -18.02
CA ASP B 38 -4.12 -2.90 -18.97
C ASP B 38 -4.21 -1.57 -18.25
N GLY B 39 -5.19 -1.46 -17.35
CA GLY B 39 -5.25 -0.33 -16.44
C GLY B 39 -3.89 -0.12 -15.81
N LEU B 40 -3.38 -1.15 -15.15
CA LEU B 40 -2.15 -1.02 -14.36
C LEU B 40 -0.97 -0.51 -15.19
N ASP B 41 -0.66 -1.16 -16.32
CA ASP B 41 0.49 -0.77 -17.16
C ASP B 41 0.31 0.61 -17.80
N LEU B 42 -0.95 1.05 -17.92
CA LEU B 42 -1.20 2.45 -18.23
C LEU B 42 -0.59 3.38 -17.18
N LEU B 43 -0.92 3.07 -15.90
CA LEU B 43 -0.63 3.97 -14.77
C LEU B 43 0.72 3.69 -14.08
N LYS B 44 1.50 2.76 -14.63
CA LYS B 44 2.82 2.36 -14.12
C LYS B 44 3.79 3.54 -14.09
N GLU B 46 3.23 7.42 -13.91
CA GLU B 46 2.13 8.12 -13.25
C GLU B 46 2.01 7.72 -11.80
N HIS B 47 1.66 6.45 -11.51
CA HIS B 47 1.32 6.02 -10.15
C HIS B 47 2.23 4.91 -9.62
N PRO B 48 2.57 4.97 -8.31
CA PRO B 48 3.37 3.90 -7.72
C PRO B 48 2.56 2.67 -7.33
N GLY B 49 1.30 2.83 -6.97
CA GLY B 49 0.46 1.68 -6.67
C GLY B 49 0.46 0.72 -7.84
N ALA B 50 0.00 1.21 -8.98
CA ALA B 50 -0.04 0.45 -10.24
C ALA B 50 1.28 -0.26 -10.58
N ARG B 51 2.38 0.46 -10.41
CA ARG B 51 3.69 -0.09 -10.69
C ARG B 51 3.98 -1.26 -9.76
N ASP B 52 3.79 -1.06 -8.46
CA ASP B 52 4.01 -2.11 -7.45
C ASP B 52 3.01 -3.28 -7.53
N GLY B 53 1.84 -3.02 -8.11
CA GLY B 53 0.86 -4.06 -8.36
C GLY B 53 1.35 -5.02 -9.43
N ILE B 54 1.73 -4.47 -10.58
CA ILE B 54 2.36 -5.27 -11.63
C ILE B 54 3.53 -6.03 -11.06
N ARG B 55 4.42 -5.29 -10.40
CA ARG B 55 5.62 -5.89 -9.84
C ARG B 55 5.29 -7.09 -8.95
N TYR B 56 4.24 -6.98 -8.13
CA TYR B 56 3.77 -8.09 -7.31
C TYR B 56 3.26 -9.28 -8.11
N LEU B 57 2.55 -9.03 -9.20
CA LEU B 57 1.97 -10.12 -9.98
C LEU B 57 3.04 -10.84 -10.79
N GLU B 58 3.96 -10.06 -11.36
CA GLU B 58 5.16 -10.62 -11.96
C GLU B 58 5.88 -11.50 -10.93
N ALA B 59 6.04 -10.99 -9.71
CA ALA B 59 6.76 -11.66 -8.63
C ALA B 59 6.12 -12.99 -8.22
N GLU B 60 4.78 -13.05 -8.21
CA GLU B 60 4.04 -14.28 -7.87
C GLU B 60 4.09 -15.32 -8.96
N PHE B 61 4.07 -14.88 -10.21
CA PHE B 61 4.21 -15.82 -11.31
C PHE B 61 5.55 -16.54 -11.22
N LYS B 62 6.61 -15.75 -11.13
CA LYS B 62 7.94 -16.29 -10.92
C LYS B 62 8.02 -17.20 -9.70
N LYS B 63 7.30 -16.87 -8.64
CA LYS B 63 7.40 -17.61 -7.39
C LYS B 63 6.55 -18.88 -7.43
N GLY B 64 5.90 -19.17 -8.53
CA GLY B 64 5.25 -20.45 -8.73
C GLY B 64 3.79 -20.51 -8.32
N ASN B 65 3.27 -19.39 -7.82
CA ASN B 65 1.91 -19.29 -7.28
C ASN B 65 0.85 -19.48 -8.35
N ARG B 66 0.18 -20.62 -8.31
CA ARG B 66 -0.79 -21.00 -9.34
C ARG B 66 -2.16 -20.40 -9.05
N TYR B 67 -2.40 -19.96 -7.83
CA TYR B 67 -3.69 -19.38 -7.46
C TYR B 67 -3.90 -17.97 -8.00
N ILE B 68 -3.10 -17.53 -8.97
CA ILE B 68 -3.32 -16.20 -9.54
C ILE B 68 -3.17 -16.16 -11.07
N ARG B 69 -4.23 -15.69 -11.74
CA ARG B 69 -4.36 -15.69 -13.20
C ARG B 69 -4.62 -14.30 -13.68
N CYS B 70 -3.95 -13.90 -14.76
CA CYS B 70 -4.42 -12.77 -15.55
C CYS B 70 -5.34 -13.29 -16.64
N GLN B 71 -6.51 -12.67 -16.78
CA GLN B 71 -7.47 -13.09 -17.79
C GLN B 71 -7.16 -12.44 -19.14
N LYS B 72 -7.40 -13.17 -20.20
CA LYS B 72 -7.25 -12.67 -21.58
C LYS B 72 -8.65 -12.29 -22.09
N GLU B 73 -8.83 -11.13 -22.68
CA GLU B 73 -10.16 -10.81 -23.17
C GLU B 73 -10.86 -9.78 -22.28
N THR B 92 -12.08 2.87 -13.12
CA THR B 92 -12.68 2.76 -11.80
C THR B 92 -14.18 3.01 -11.87
N LEU B 93 -14.57 4.26 -12.25
CA LEU B 93 -15.98 4.55 -12.49
C LEU B 93 -16.58 3.59 -13.50
N TYR B 94 -15.89 3.47 -14.66
CA TYR B 94 -16.29 2.53 -15.72
C TYR B 94 -15.54 1.18 -15.63
N LYS B 95 -14.38 1.11 -14.95
CA LYS B 95 -13.68 -0.16 -14.79
C LYS B 95 -14.56 -1.17 -14.04
N ILE B 96 -15.24 -0.69 -12.99
CA ILE B 96 -16.14 -1.50 -12.17
C ILE B 96 -17.15 -2.26 -13.04
N LEU B 97 -17.72 -1.55 -13.99
CA LEU B 97 -18.74 -2.10 -14.88
C LEU B 97 -18.13 -3.10 -15.86
N ASP B 98 -16.94 -2.84 -16.38
CA ASP B 98 -16.31 -3.74 -17.34
C ASP B 98 -15.84 -5.03 -16.66
N SER B 99 -15.48 -4.94 -15.39
CA SER B 99 -15.00 -6.11 -14.65
C SER B 99 -16.10 -7.16 -14.55
N CYS B 100 -17.23 -6.76 -14.00
CA CYS B 100 -18.32 -7.71 -13.76
C CYS B 100 -18.87 -8.31 -15.06
N LYS B 101 -18.76 -7.58 -16.16
CA LYS B 101 -19.07 -8.14 -17.47
C LYS B 101 -18.16 -9.32 -17.80
N GLN B 102 -16.86 -9.28 -17.41
CA GLN B 102 -15.96 -10.40 -17.59
C GLN B 102 -16.30 -11.55 -16.64
N LEU B 103 -16.98 -11.23 -15.56
CA LEU B 103 -17.40 -12.24 -14.61
C LEU B 103 -18.66 -12.96 -15.07
N THR B 104 -19.34 -12.44 -16.08
CA THR B 104 -20.45 -13.16 -16.67
C THR B 104 -19.91 -14.22 -17.63
N LEU B 105 -18.67 -14.02 -18.08
CA LEU B 105 -17.95 -15.07 -18.80
C LEU B 105 -17.63 -16.24 -17.89
N ALA B 106 -17.10 -15.93 -16.67
CA ALA B 106 -16.78 -16.97 -15.66
C ALA B 106 -18.00 -17.78 -15.22
N GLN B 107 -19.19 -17.16 -15.22
CA GLN B 107 -20.43 -17.87 -15.00
C GLN B 107 -20.76 -18.79 -16.16
N LEU B 126 -17.49 -12.49 -6.64
CA LEU B 126 -16.95 -11.54 -5.66
C LEU B 126 -15.79 -10.73 -6.19
N ASP B 127 -16.06 -9.48 -6.56
CA ASP B 127 -15.01 -8.53 -6.90
C ASP B 127 -14.50 -7.92 -5.60
N ASN B 128 -13.26 -7.43 -5.61
CA ASN B 128 -12.82 -6.46 -4.61
C ASN B 128 -12.41 -5.09 -5.13
N PRO B 129 -13.18 -4.07 -4.75
CA PRO B 129 -12.69 -2.69 -4.78
C PRO B 129 -12.36 -2.07 -3.42
N SER B 130 -12.19 -0.74 -3.40
CA SER B 130 -12.43 -0.02 -2.15
C SER B 130 -13.65 0.89 -2.28
N VAL B 131 -14.64 0.96 -1.33
CA VAL B 131 -15.65 1.96 -0.97
C VAL B 131 -16.96 1.71 -1.70
N ALA B 142 -25.79 1.53 -7.89
CA ALA B 142 -25.45 2.01 -9.22
C ALA B 142 -24.47 1.06 -9.92
N ALA B 143 -23.16 1.32 -9.79
CA ALA B 143 -22.13 0.42 -10.27
C ALA B 143 -22.11 -0.83 -9.40
N ALA B 144 -22.55 -0.70 -8.15
CA ALA B 144 -22.73 -1.84 -7.27
C ALA B 144 -24.13 -2.45 -7.43
N HIS B 145 -24.61 -2.54 -8.67
CA HIS B 145 -25.94 -3.04 -9.00
C HIS B 145 -25.92 -3.86 -10.29
N SER B 147 -25.95 -10.69 -10.16
CA SER B 147 -25.55 -11.94 -9.49
C SER B 147 -24.23 -12.17 -8.73
N VAL B 148 -23.37 -11.15 -8.77
CA VAL B 148 -21.98 -11.26 -8.35
C VAL B 148 -21.70 -10.32 -7.18
N ASP B 149 -21.78 -10.82 -5.95
CA ASP B 149 -21.57 -10.00 -4.78
C ASP B 149 -20.29 -9.17 -4.91
N ILE B 150 -20.28 -8.05 -4.19
CA ILE B 150 -19.11 -7.18 -4.14
C ILE B 150 -18.93 -6.74 -2.71
N LYS B 151 -17.70 -6.71 -2.25
CA LYS B 151 -17.37 -6.05 -1.03
C LYS B 151 -16.00 -5.49 -1.17
N ASN B 152 -15.62 -4.70 -0.20
CA ASN B 152 -14.34 -4.05 -0.18
C ASN B 152 -13.30 -5.06 0.23
N VAL B 153 -12.12 -4.96 -0.40
CA VAL B 153 -10.95 -5.82 -0.12
C VAL B 153 -10.73 -6.09 1.37
N LEU B 154 -10.46 -5.02 2.14
CA LEU B 154 -10.11 -5.13 3.55
C LEU B 154 -11.27 -5.67 4.38
N ASP B 155 -12.48 -5.25 4.05
CA ASP B 155 -13.65 -5.81 4.70
C ASP B 155 -13.65 -7.32 4.52
N PHE B 156 -13.52 -7.74 3.26
CA PHE B 156 -13.45 -9.15 2.89
C PHE B 156 -12.30 -9.90 3.60
N TYR B 157 -11.15 -9.25 3.74
CA TYR B 157 -9.99 -9.89 4.36
C TYR B 157 -10.20 -10.14 5.86
N LYS B 158 -10.77 -9.16 6.54
CA LYS B 158 -11.09 -9.32 7.96
C LYS B 158 -12.25 -10.30 8.11
N GLN B 159 -13.08 -10.42 7.06
CA GLN B 159 -14.08 -11.50 6.95
C GLN B 159 -13.45 -12.89 6.82
N TRP B 160 -12.17 -12.93 6.47
CA TRP B 160 -11.51 -14.20 6.19
C TRP B 160 -10.88 -14.81 7.45
N LYS B 161 -10.22 -14.00 8.28
CA LYS B 161 -9.93 -14.42 9.66
C LYS B 161 -11.22 -14.74 10.41
#